data_1PE1
#
_entry.id   1PE1
#
_cell.length_a   84.434
_cell.length_b   84.434
_cell.length_c   159.751
_cell.angle_alpha   90.00
_cell.angle_beta   90.00
_cell.angle_gamma   120.00
#
_symmetry.space_group_name_H-M   'P 31 2 1'
#
loop_
_entity.id
_entity.type
_entity.pdbx_description
1 polymer '2-dehydro-3-deoxyphosphooctonate aldolase'
2 non-polymer 'PHOSPHATE ION'
3 non-polymer 'CADMIUM ION'
4 non-polymer '2-PHOSPHOGLYCERIC ACID'
5 water water
#
_entity_poly.entity_id   1
_entity_poly.type   'polypeptide(L)'
_entity_poly.pdbx_seq_one_letter_code
;MEKFLVIAGPCAIESEELLLKVGEEIKRLSEKFKEVEFVFKSSFDKANRSSIHSFRGHGLEYGVKALRKVKEEFGLKITT
DIHESWQAEPVAEVADIIQIPAFLCRQTDLLLAAAKTGRAVNVKKGQFLAPWDTKNVVEKLKFGGAKEIYLTERGTTFGY
NNLVVDFRSLPIMKQWAKVIYDATHSVQLPGGLGDKSGGMREFIFPLIRAAVAVGCDGVFMETHPEPEKALSDASTQLPL
SQLEGIIEAILEIREVASKYYETIPVK
;
_entity_poly.pdbx_strand_id   A,B
#
loop_
_chem_comp.id
_chem_comp.type
_chem_comp.name
_chem_comp.formula
2PG non-polymer '2-PHOSPHOGLYCERIC ACID' 'C3 H7 O7 P'
CD non-polymer 'CADMIUM ION' 'Cd 2'
PO4 non-polymer 'PHOSPHATE ION' 'O4 P -3'
#
# COMPACT_ATOMS: atom_id res chain seq x y z
N MET A 1 -25.99 15.80 19.64
CA MET A 1 -25.20 15.21 18.51
C MET A 1 -23.88 15.93 18.22
N GLU A 2 -22.81 15.15 18.03
CA GLU A 2 -21.48 15.68 17.72
C GLU A 2 -21.49 16.51 16.43
N LYS A 3 -20.57 17.48 16.31
CA LYS A 3 -20.49 18.31 15.12
C LYS A 3 -20.05 17.34 14.02
N PHE A 4 -20.78 17.32 12.92
CA PHE A 4 -20.45 16.47 11.80
C PHE A 4 -19.27 17.06 11.03
N LEU A 5 -18.39 16.18 10.56
CA LEU A 5 -17.26 16.65 9.79
C LEU A 5 -17.48 16.55 8.29
N VAL A 6 -17.16 17.60 7.58
CA VAL A 6 -17.19 17.53 6.15
C VAL A 6 -15.77 17.90 5.71
N ILE A 7 -15.03 16.92 5.17
CA ILE A 7 -13.67 17.19 4.67
C ILE A 7 -13.83 17.37 3.14
N ALA A 8 -13.39 18.48 2.58
CA ALA A 8 -13.57 18.72 1.15
C ALA A 8 -12.56 19.67 0.54
N GLY A 9 -12.38 19.53 -0.77
CA GLY A 9 -11.47 20.41 -1.46
C GLY A 9 -11.03 19.71 -2.69
N PRO A 10 -10.19 20.38 -3.52
CA PRO A 10 -9.69 19.78 -4.76
C PRO A 10 -8.73 18.70 -4.48
N CYS A 11 -8.81 17.64 -5.27
CA CYS A 11 -7.93 16.48 -5.11
C CYS A 11 -6.46 16.89 -4.96
N ALA A 12 -6.00 17.69 -5.91
CA ALA A 12 -4.59 18.10 -5.94
C ALA A 12 -4.44 19.63 -5.98
N ILE A 13 -3.34 20.10 -5.43
CA ILE A 13 -3.03 21.53 -5.38
C ILE A 13 -2.55 21.91 -6.76
N GLU A 14 -3.50 22.10 -7.67
CA GLU A 14 -3.16 22.45 -9.06
C GLU A 14 -2.50 23.81 -9.12
N SER A 15 -2.90 24.70 -8.22
CA SER A 15 -2.35 26.06 -8.18
C SER A 15 -2.91 26.66 -6.90
N GLU A 16 -2.27 27.70 -6.37
CA GLU A 16 -2.75 28.35 -5.18
C GLU A 16 -4.10 29.04 -5.49
N GLU A 17 -4.28 29.39 -6.76
CA GLU A 17 -5.51 30.03 -7.14
C GLU A 17 -6.71 29.13 -7.04
N LEU A 18 -6.60 27.92 -7.60
CA LEU A 18 -7.69 26.93 -7.56
C LEU A 18 -8.07 26.73 -6.10
N LEU A 19 -7.06 26.67 -5.24
CA LEU A 19 -7.30 26.49 -3.82
C LEU A 19 -8.15 27.62 -3.20
N LEU A 20 -7.82 28.85 -3.55
CA LEU A 20 -8.56 30.01 -3.03
C LEU A 20 -9.99 30.02 -3.55
N LYS A 21 -10.20 29.57 -4.78
CA LYS A 21 -11.56 29.53 -5.31
C LYS A 21 -12.48 28.50 -4.59
N VAL A 22 -11.92 27.35 -4.27
CA VAL A 22 -12.72 26.32 -3.60
C VAL A 22 -12.89 26.71 -2.15
N GLY A 23 -11.80 27.26 -1.62
CA GLY A 23 -11.79 27.70 -0.24
C GLY A 23 -12.87 28.73 0.01
N GLU A 24 -13.01 29.63 -0.97
CA GLU A 24 -14.02 30.67 -0.82
C GLU A 24 -15.43 30.06 -0.61
N GLU A 25 -15.75 29.09 -1.44
CA GLU A 25 -17.03 28.39 -1.40
C GLU A 25 -17.15 27.59 -0.13
N ILE A 26 -16.07 26.90 0.27
CA ILE A 26 -16.17 26.12 1.50
C ILE A 26 -16.41 27.08 2.71
N LYS A 27 -15.74 28.23 2.69
CA LYS A 27 -15.96 29.21 3.76
C LYS A 27 -17.45 29.66 3.80
N ARG A 28 -18.02 29.94 2.63
CA ARG A 28 -19.44 30.35 2.54
C ARG A 28 -20.35 29.24 3.13
N LEU A 29 -20.05 27.98 2.85
CA LEU A 29 -20.91 26.91 3.36
C LEU A 29 -20.71 26.78 4.87
N SER A 30 -19.50 27.05 5.34
CA SER A 30 -19.32 26.91 6.76
C SER A 30 -20.10 27.92 7.59
N GLU A 31 -20.38 29.07 6.98
CA GLU A 31 -21.10 30.12 7.68
C GLU A 31 -22.58 29.73 7.70
N LYS A 32 -23.02 29.01 6.67
CA LYS A 32 -24.42 28.54 6.59
C LYS A 32 -24.62 27.33 7.46
N PHE A 33 -23.79 26.31 7.24
CA PHE A 33 -23.96 25.09 8.01
C PHE A 33 -23.10 25.13 9.24
N LYS A 34 -23.57 25.84 10.26
CA LYS A 34 -22.85 25.98 11.49
C LYS A 34 -22.77 24.69 12.34
N GLU A 35 -23.58 23.67 12.04
CA GLU A 35 -23.52 22.41 12.80
C GLU A 35 -22.47 21.48 12.17
N VAL A 36 -21.74 21.97 11.18
CA VAL A 36 -20.72 21.13 10.50
C VAL A 36 -19.36 21.67 10.77
N GLU A 37 -18.39 20.78 11.02
CA GLU A 37 -17.00 21.21 11.17
C GLU A 37 -16.38 21.02 9.76
N PHE A 38 -16.01 22.08 9.06
CA PHE A 38 -15.45 21.91 7.72
C PHE A 38 -13.92 21.82 7.78
N VAL A 39 -13.34 20.94 6.96
CA VAL A 39 -11.87 20.82 6.91
C VAL A 39 -11.48 20.84 5.45
N PHE A 40 -10.58 21.74 5.06
CA PHE A 40 -10.21 21.89 3.67
C PHE A 40 -9.06 20.95 3.32
N LYS A 41 -9.25 20.15 2.29
CA LYS A 41 -8.30 19.14 1.89
C LYS A 41 -7.76 19.35 0.50
N SER A 42 -6.45 19.17 0.36
CA SER A 42 -5.88 19.11 -0.96
C SER A 42 -4.49 18.49 -0.83
N SER A 43 -4.09 17.65 -1.78
CA SER A 43 -2.77 16.98 -1.75
C SER A 43 -1.65 17.77 -2.43
N PHE A 44 -0.49 17.89 -1.76
CA PHE A 44 0.62 18.60 -2.39
C PHE A 44 1.35 17.65 -3.29
N ASP A 45 1.03 16.35 -3.20
CA ASP A 45 1.72 15.36 -4.05
C ASP A 45 0.85 14.11 -4.27
N LYS A 46 0.57 13.80 -5.53
CA LYS A 46 -0.15 12.55 -5.87
C LYS A 46 1.05 11.61 -6.09
N ALA A 47 1.52 11.02 -5.00
CA ALA A 47 2.71 10.17 -4.98
C ALA A 47 2.53 8.72 -5.43
N ASN A 48 1.28 8.35 -5.71
CA ASN A 48 1.00 6.95 -6.09
C ASN A 48 0.20 6.80 -7.38
N ARG A 49 0.27 7.78 -8.29
CA ARG A 49 -0.48 7.71 -9.57
C ARG A 49 -0.08 6.43 -10.30
N SER A 50 -0.97 5.92 -11.14
CA SER A 50 -0.62 4.70 -11.89
C SER A 50 0.48 4.97 -12.91
N SER A 51 0.34 6.10 -13.61
CA SER A 51 1.30 6.46 -14.67
C SER A 51 2.41 7.43 -14.28
N ILE A 52 3.63 7.15 -14.75
CA ILE A 52 4.76 8.06 -14.50
C ILE A 52 4.44 9.40 -15.22
N HIS A 53 3.60 9.37 -16.24
CA HIS A 53 3.29 10.61 -16.97
C HIS A 53 2.21 11.49 -16.38
N SER A 54 1.56 11.03 -15.29
CA SER A 54 0.49 11.81 -14.73
C SER A 54 0.95 12.94 -13.81
N PHE A 55 0.07 13.92 -13.58
CA PHE A 55 0.37 15.08 -12.72
C PHE A 55 0.61 14.64 -11.26
N ARG A 56 1.64 15.19 -10.61
CA ARG A 56 1.96 14.86 -9.22
C ARG A 56 1.76 16.08 -8.32
N GLY A 57 2.24 17.23 -8.78
CA GLY A 57 2.06 18.41 -7.94
C GLY A 57 3.25 19.36 -8.08
N HIS A 58 3.24 20.40 -7.27
CA HIS A 58 4.30 21.40 -7.31
C HIS A 58 5.25 21.33 -6.14
N GLY A 59 5.26 20.21 -5.42
CA GLY A 59 6.19 20.08 -4.31
C GLY A 59 5.59 20.43 -2.96
N LEU A 60 6.19 19.87 -1.90
CA LEU A 60 5.75 20.08 -0.52
C LEU A 60 5.78 21.57 -0.10
N GLU A 61 6.94 22.19 -0.30
CA GLU A 61 7.09 23.61 0.08
C GLU A 61 5.93 24.47 -0.44
N TYR A 62 5.71 24.41 -1.76
CA TYR A 62 4.66 25.18 -2.43
C TYR A 62 3.27 24.81 -1.90
N GLY A 63 3.04 23.51 -1.73
CA GLY A 63 1.73 23.06 -1.28
C GLY A 63 1.40 23.53 0.13
N VAL A 64 2.37 23.46 1.04
CA VAL A 64 2.13 23.89 2.45
C VAL A 64 1.89 25.38 2.42
N LYS A 65 2.63 26.09 1.57
CA LYS A 65 2.43 27.53 1.55
C LYS A 65 1.03 27.89 1.00
N ALA A 66 0.53 27.13 0.02
CA ALA A 66 -0.78 27.40 -0.55
C ALA A 66 -1.86 27.02 0.48
N LEU A 67 -1.68 25.88 1.21
CA LEU A 67 -2.67 25.53 2.23
C LEU A 67 -2.66 26.55 3.33
N ARG A 68 -1.45 27.03 3.67
CA ARG A 68 -1.39 28.01 4.74
C ARG A 68 -2.17 29.29 4.32
N LYS A 69 -2.14 29.64 3.04
CA LYS A 69 -2.88 30.84 2.55
C LYS A 69 -4.39 30.62 2.75
N VAL A 70 -4.88 29.45 2.39
CA VAL A 70 -6.29 29.11 2.58
C VAL A 70 -6.66 29.24 4.04
N LYS A 71 -5.80 28.73 4.94
CA LYS A 71 -6.13 28.81 6.37
C LYS A 71 -6.16 30.26 6.92
N GLU A 72 -5.24 31.05 6.41
CA GLU A 72 -5.10 32.42 6.83
C GLU A 72 -6.20 33.31 6.22
N GLU A 73 -6.54 33.07 4.97
CA GLU A 73 -7.55 33.89 4.33
C GLU A 73 -8.97 33.54 4.80
N PHE A 74 -9.24 32.24 5.03
CA PHE A 74 -10.59 31.85 5.43
C PHE A 74 -10.83 31.33 6.82
N GLY A 75 -9.76 31.13 7.59
CA GLY A 75 -9.94 30.62 8.95
C GLY A 75 -10.42 29.16 8.88
N LEU A 76 -10.05 28.41 7.85
CA LEU A 76 -10.50 27.00 7.77
C LEU A 76 -9.42 26.00 8.28
N LYS A 77 -9.86 24.90 8.88
CA LYS A 77 -8.91 23.85 9.28
C LYS A 77 -8.43 23.22 7.97
N ILE A 78 -7.25 22.58 8.03
CA ILE A 78 -6.60 22.03 6.88
C ILE A 78 -6.22 20.56 7.06
N THR A 79 -6.34 19.77 6.01
CA THR A 79 -5.81 18.41 6.09
C THR A 79 -5.08 18.13 4.79
N THR A 80 -3.97 17.39 4.86
CA THR A 80 -3.31 16.96 3.64
C THR A 80 -2.63 15.64 4.00
N ASP A 81 -2.25 14.91 2.96
CA ASP A 81 -1.63 13.59 3.17
C ASP A 81 -0.11 13.52 3.07
N ILE A 82 0.50 12.59 3.84
CA ILE A 82 1.95 12.40 3.77
C ILE A 82 2.25 11.07 3.21
N HIS A 83 3.45 10.96 2.65
CA HIS A 83 3.86 9.72 1.98
C HIS A 83 5.12 9.04 2.54
N GLU A 84 5.95 9.79 3.25
CA GLU A 84 7.15 9.26 3.91
C GLU A 84 7.25 9.97 5.24
N SER A 85 7.88 9.31 6.21
CA SER A 85 7.93 9.81 7.57
C SER A 85 8.45 11.23 7.70
N TRP A 86 9.46 11.54 6.93
CA TRP A 86 10.08 12.86 7.02
C TRP A 86 9.10 14.02 6.73
N GLN A 87 8.00 13.75 6.00
CA GLN A 87 7.07 14.84 5.69
C GLN A 87 6.11 15.21 6.80
N ALA A 88 5.99 14.37 7.85
CA ALA A 88 5.06 14.64 8.92
C ALA A 88 5.32 15.97 9.65
N GLU A 89 6.59 16.22 9.94
CA GLU A 89 6.96 17.43 10.67
C GLU A 89 6.66 18.69 9.88
N PRO A 90 7.15 18.81 8.64
CA PRO A 90 6.79 20.07 7.95
C PRO A 90 5.30 20.22 7.67
N VAL A 91 4.62 19.12 7.37
CA VAL A 91 3.20 19.24 7.07
C VAL A 91 2.47 19.59 8.35
N ALA A 92 2.92 19.12 9.51
CA ALA A 92 2.19 19.38 10.70
C ALA A 92 2.17 20.88 11.03
N GLU A 93 3.04 21.61 10.38
CA GLU A 93 3.02 23.04 10.62
C GLU A 93 1.76 23.73 10.16
N VAL A 94 1.05 23.15 9.17
CA VAL A 94 -0.17 23.76 8.66
C VAL A 94 -1.40 22.86 8.81
N ALA A 95 -1.17 21.55 8.77
CA ALA A 95 -2.30 20.59 8.80
C ALA A 95 -2.90 20.28 10.16
N ASP A 96 -4.19 20.54 10.37
CA ASP A 96 -4.85 20.18 11.60
C ASP A 96 -5.04 18.70 11.66
N ILE A 97 -5.27 18.11 10.48
CA ILE A 97 -5.46 16.63 10.40
C ILE A 97 -4.47 16.10 9.36
N ILE A 98 -3.66 15.15 9.79
CA ILE A 98 -2.67 14.60 8.83
C ILE A 98 -3.33 13.32 8.28
N GLN A 99 -3.35 13.18 6.96
CA GLN A 99 -3.98 12.04 6.33
C GLN A 99 -2.94 11.00 5.90
N ILE A 100 -3.27 9.74 6.19
CA ILE A 100 -2.42 8.61 5.79
C ILE A 100 -3.11 7.92 4.57
N PRO A 101 -2.44 7.87 3.41
CA PRO A 101 -3.01 7.24 2.21
C PRO A 101 -3.39 5.75 2.48
N ALA A 102 -4.41 5.30 1.75
CA ALA A 102 -4.89 3.92 1.90
C ALA A 102 -3.81 2.86 1.67
N PHE A 103 -2.94 3.04 0.67
CA PHE A 103 -1.93 1.97 0.41
C PHE A 103 -0.89 1.93 1.56
N LEU A 104 -0.84 3.02 2.33
CA LEU A 104 0.17 3.14 3.39
C LEU A 104 -0.37 2.95 4.83
N CYS A 105 -1.59 2.41 4.95
CA CYS A 105 -2.23 2.30 6.27
C CYS A 105 -1.59 1.32 7.24
N ARG A 106 -0.70 0.48 6.76
CA ARG A 106 0.01 -0.42 7.62
C ARG A 106 1.51 -0.02 7.80
N GLN A 107 1.95 1.10 7.20
CA GLN A 107 3.36 1.51 7.33
C GLN A 107 3.61 2.11 8.71
N THR A 108 4.17 1.29 9.58
CA THR A 108 4.34 1.68 10.99
C THR A 108 5.02 3.00 11.23
N ASP A 109 6.14 3.21 10.58
CA ASP A 109 6.88 4.48 10.79
C ASP A 109 6.13 5.72 10.35
N LEU A 110 5.36 5.61 9.27
CA LEU A 110 4.62 6.76 8.77
C LEU A 110 3.50 7.12 9.81
N LEU A 111 2.80 6.10 10.30
CA LEU A 111 1.77 6.31 11.30
C LEU A 111 2.39 6.95 12.61
N LEU A 112 3.52 6.41 13.05
CA LEU A 112 4.16 6.93 14.26
C LEU A 112 4.64 8.38 13.95
N ALA A 113 5.14 8.65 12.75
CA ALA A 113 5.60 10.02 12.43
C ALA A 113 4.48 11.02 12.55
N ALA A 114 3.30 10.64 12.02
CA ALA A 114 2.11 11.50 12.14
C ALA A 114 1.66 11.66 13.59
N ALA A 115 1.63 10.55 14.34
CA ALA A 115 1.12 10.59 15.69
C ALA A 115 1.92 11.48 16.68
N LYS A 116 3.24 11.54 16.50
CA LYS A 116 4.03 12.33 17.47
C LYS A 116 3.97 13.83 17.20
N THR A 117 3.33 14.25 16.10
CA THR A 117 3.21 15.70 15.81
C THR A 117 2.21 16.38 16.73
N GLY A 118 1.33 15.61 17.34
CA GLY A 118 0.29 16.16 18.16
C GLY A 118 -1.00 16.56 17.34
N ARG A 119 -0.95 16.39 16.02
CA ARG A 119 -2.10 16.68 15.15
C ARG A 119 -3.03 15.47 15.12
N ALA A 120 -4.24 15.71 14.65
CA ALA A 120 -5.17 14.57 14.50
C ALA A 120 -4.65 13.79 13.34
N VAL A 121 -5.03 12.50 13.30
CA VAL A 121 -4.58 11.67 12.19
C VAL A 121 -5.78 10.92 11.59
N ASN A 122 -5.89 10.94 10.28
CA ASN A 122 -7.00 10.23 9.62
C ASN A 122 -6.37 9.24 8.69
N VAL A 123 -6.68 7.94 8.91
CA VAL A 123 -6.14 6.90 8.08
C VAL A 123 -7.19 6.38 7.08
N LYS A 124 -6.86 6.43 5.80
CA LYS A 124 -7.75 5.85 4.76
C LYS A 124 -7.60 4.32 4.91
N LYS A 125 -8.72 3.60 5.02
CA LYS A 125 -8.67 2.17 5.15
C LYS A 125 -8.19 1.53 3.86
N GLY A 126 -7.11 0.73 3.93
CA GLY A 126 -6.62 0.12 2.70
C GLY A 126 -7.67 -0.70 1.98
N GLN A 127 -7.63 -0.70 0.64
CA GLN A 127 -8.55 -1.48 -0.22
C GLN A 127 -8.39 -3.03 0.05
N PHE A 128 -7.30 -3.38 0.72
CA PHE A 128 -6.95 -4.75 1.11
C PHE A 128 -7.29 -5.11 2.56
N LEU A 129 -7.69 -4.12 3.36
CA LEU A 129 -7.94 -4.33 4.76
C LEU A 129 -9.35 -4.64 5.21
N ALA A 130 -9.51 -5.68 6.04
CA ALA A 130 -10.84 -6.02 6.61
C ALA A 130 -11.14 -4.94 7.65
N PRO A 131 -12.42 -4.60 7.83
CA PRO A 131 -12.72 -3.55 8.83
C PRO A 131 -12.26 -3.87 10.28
N TRP A 132 -12.39 -5.14 10.70
CA TRP A 132 -11.93 -5.49 12.06
C TRP A 132 -10.42 -5.33 12.21
N ASP A 133 -9.67 -5.35 11.09
CA ASP A 133 -8.23 -5.17 11.19
C ASP A 133 -7.71 -3.68 11.32
N THR A 134 -8.67 -2.75 11.46
CA THR A 134 -8.31 -1.40 11.71
C THR A 134 -8.07 -1.22 13.20
N LYS A 135 -8.53 -2.15 14.01
CA LYS A 135 -8.27 -2.02 15.45
C LYS A 135 -6.78 -1.84 15.74
N ASN A 136 -5.90 -2.63 15.10
CA ASN A 136 -4.42 -2.49 15.31
C ASN A 136 -3.84 -1.21 14.72
N VAL A 137 -4.49 -0.67 13.69
CA VAL A 137 -4.05 0.58 13.09
C VAL A 137 -4.24 1.70 14.16
N VAL A 138 -5.41 1.71 14.79
CA VAL A 138 -5.74 2.73 15.84
C VAL A 138 -4.76 2.52 17.05
N GLU A 139 -4.57 1.26 17.44
CA GLU A 139 -3.65 0.91 18.52
C GLU A 139 -2.24 1.48 18.20
N LYS A 140 -1.77 1.37 16.94
CA LYS A 140 -0.46 1.93 16.60
C LYS A 140 -0.45 3.44 16.78
N LEU A 141 -1.54 4.10 16.31
CA LEU A 141 -1.58 5.58 16.52
C LEU A 141 -1.64 5.96 18.01
N LYS A 142 -2.44 5.26 18.78
CA LYS A 142 -2.59 5.62 20.20
C LYS A 142 -1.19 5.42 20.86
N PHE A 143 -0.53 4.32 20.51
CA PHE A 143 0.82 4.03 21.07
C PHE A 143 1.80 5.20 20.72
N GLY A 144 1.67 5.75 19.50
CA GLY A 144 2.51 6.86 19.02
C GLY A 144 2.08 8.26 19.51
N GLY A 145 1.07 8.31 20.37
CA GLY A 145 0.64 9.57 20.93
C GLY A 145 -0.55 10.30 20.29
N ALA A 146 -1.14 9.70 19.25
CA ALA A 146 -2.28 10.39 18.60
C ALA A 146 -3.50 10.39 19.55
N LYS A 147 -4.09 11.57 19.73
CA LYS A 147 -5.25 11.64 20.60
C LYS A 147 -6.61 11.85 19.87
N GLU A 148 -6.55 12.14 18.58
CA GLU A 148 -7.74 12.34 17.78
C GLU A 148 -7.50 11.55 16.50
N ILE A 149 -8.23 10.45 16.38
CA ILE A 149 -8.08 9.53 15.25
C ILE A 149 -9.33 9.27 14.48
N TYR A 150 -9.18 9.25 13.17
CA TYR A 150 -10.26 8.92 12.24
C TYR A 150 -9.86 7.79 11.34
N LEU A 151 -10.85 6.97 10.97
CA LEU A 151 -10.66 5.87 9.99
C LEU A 151 -11.65 6.24 8.83
N THR A 152 -11.14 6.25 7.61
CA THR A 152 -11.95 6.58 6.47
C THR A 152 -12.27 5.38 5.62
N GLU A 153 -13.55 5.13 5.44
CA GLU A 153 -13.99 4.08 4.51
C GLU A 153 -13.86 4.60 3.07
N ARG A 154 -13.10 3.89 2.21
CA ARG A 154 -13.01 4.29 0.80
C ARG A 154 -13.13 3.12 -0.20
N GLY A 155 -13.81 2.05 0.24
CA GLY A 155 -14.05 0.93 -0.67
C GLY A 155 -13.03 -0.17 -0.45
N THR A 156 -13.37 -1.34 -0.99
CA THR A 156 -12.53 -2.48 -0.84
C THR A 156 -12.42 -3.16 -2.20
N THR A 157 -11.28 -3.80 -2.43
CA THR A 157 -11.05 -4.47 -3.71
C THR A 157 -12.14 -5.49 -4.00
N PHE A 158 -12.73 -5.45 -5.20
CA PHE A 158 -13.85 -6.36 -5.49
C PHE A 158 -13.56 -6.79 -6.96
N GLY A 159 -12.85 -7.89 -7.11
CA GLY A 159 -12.40 -8.26 -8.44
C GLY A 159 -11.36 -7.22 -8.92
N TYR A 160 -11.13 -7.16 -10.23
CA TYR A 160 -10.16 -6.23 -10.81
C TYR A 160 -10.80 -4.92 -11.24
N ASN A 161 -10.09 -3.81 -10.99
CA ASN A 161 -10.55 -2.49 -11.39
C ASN A 161 -11.95 -2.17 -10.88
N ASN A 162 -12.26 -2.59 -9.65
CA ASN A 162 -13.56 -2.26 -9.09
C ASN A 162 -13.48 -2.24 -7.57
N LEU A 163 -14.23 -1.31 -6.96
CA LEU A 163 -14.27 -1.26 -5.49
C LEU A 163 -15.73 -1.39 -5.06
N VAL A 164 -15.95 -2.05 -3.93
CA VAL A 164 -17.29 -2.12 -3.40
C VAL A 164 -17.23 -1.49 -2.01
N VAL A 165 -18.32 -0.85 -1.60
CA VAL A 165 -18.38 -0.31 -0.24
C VAL A 165 -19.24 -1.28 0.61
N ASP A 166 -18.60 -1.89 1.61
CA ASP A 166 -19.30 -2.79 2.52
C ASP A 166 -19.73 -1.94 3.69
N PHE A 167 -20.99 -1.46 3.71
CA PHE A 167 -21.38 -0.56 4.79
C PHE A 167 -21.32 -1.14 6.18
N ARG A 168 -21.15 -2.46 6.29
CA ARG A 168 -20.99 -2.98 7.68
C ARG A 168 -19.72 -2.41 8.32
N SER A 169 -18.80 -1.91 7.51
CA SER A 169 -17.56 -1.39 8.09
C SER A 169 -17.75 -0.16 9.00
N LEU A 170 -18.80 0.62 8.68
CA LEU A 170 -19.07 1.82 9.50
C LEU A 170 -19.31 1.48 10.97
N PRO A 171 -20.26 0.58 11.31
CA PRO A 171 -20.41 0.31 12.74
C PRO A 171 -19.24 -0.49 13.32
N ILE A 172 -18.59 -1.31 12.51
CA ILE A 172 -17.46 -2.08 13.02
C ILE A 172 -16.31 -1.14 13.43
N MET A 173 -15.89 -0.24 12.55
CA MET A 173 -14.78 0.66 12.83
C MET A 173 -15.08 1.67 13.92
N LYS A 174 -16.36 2.05 14.00
CA LYS A 174 -16.81 2.95 15.02
C LYS A 174 -16.50 2.42 16.45
N GLN A 175 -16.25 1.12 16.58
CA GLN A 175 -15.89 0.59 17.91
C GLN A 175 -14.58 1.22 18.44
N TRP A 176 -13.70 1.63 17.55
CA TRP A 176 -12.43 2.15 18.00
C TRP A 176 -11.97 3.49 17.48
N ALA A 177 -12.72 4.14 16.58
CA ALA A 177 -12.35 5.48 16.15
C ALA A 177 -13.56 6.19 15.52
N LYS A 178 -13.41 7.48 15.26
CA LYS A 178 -14.47 8.19 14.56
C LYS A 178 -14.34 7.72 13.12
N VAL A 179 -15.48 7.60 12.42
CA VAL A 179 -15.49 7.11 11.05
C VAL A 179 -15.89 8.12 10.00
N ILE A 180 -15.08 8.22 8.92
CA ILE A 180 -15.38 9.13 7.84
C ILE A 180 -15.71 8.33 6.63
N TYR A 181 -16.75 8.75 5.88
CA TYR A 181 -17.05 8.07 4.59
C TYR A 181 -16.50 8.91 3.42
N ASP A 182 -15.65 8.31 2.58
CA ASP A 182 -15.03 8.98 1.42
C ASP A 182 -15.98 8.73 0.22
N ALA A 183 -16.77 9.76 -0.09
CA ALA A 183 -17.77 9.64 -1.14
C ALA A 183 -17.24 9.66 -2.56
N THR A 184 -16.04 10.18 -2.78
CA THR A 184 -15.58 10.24 -4.15
C THR A 184 -14.61 9.08 -4.51
N HIS A 185 -13.71 8.65 -3.61
CA HIS A 185 -12.82 7.53 -4.00
C HIS A 185 -13.51 6.18 -3.98
N SER A 186 -14.56 6.05 -3.21
CA SER A 186 -15.26 4.77 -3.12
C SER A 186 -15.92 4.38 -4.45
N VAL A 187 -16.15 5.32 -5.34
CA VAL A 187 -16.79 4.95 -6.62
C VAL A 187 -15.80 4.93 -7.77
N GLN A 188 -14.51 5.16 -7.45
CA GLN A 188 -13.52 5.09 -8.52
C GLN A 188 -13.29 3.66 -9.00
N LEU A 189 -12.90 3.51 -10.26
CA LEU A 189 -12.60 2.20 -10.83
C LEU A 189 -11.06 2.26 -10.92
N PRO A 190 -10.34 1.57 -10.00
CA PRO A 190 -8.87 1.56 -9.95
C PRO A 190 -8.24 1.12 -11.25
N GLY A 191 -7.30 1.94 -11.73
CA GLY A 191 -6.63 1.67 -12.99
C GLY A 191 -7.60 1.70 -14.17
N GLY A 198 -10.29 5.20 -13.37
CA GLY A 198 -11.72 5.20 -13.66
C GLY A 198 -12.59 5.70 -12.51
N GLY A 199 -13.90 5.81 -12.77
CA GLY A 199 -14.81 6.26 -11.75
C GLY A 199 -16.18 6.57 -12.29
N MET A 200 -17.20 6.31 -11.46
CA MET A 200 -18.62 6.50 -11.82
C MET A 200 -19.34 7.56 -10.95
N ARG A 201 -19.31 8.82 -11.46
CA ARG A 201 -19.93 9.98 -10.74
C ARG A 201 -21.42 9.79 -10.33
N GLU A 202 -22.17 9.04 -11.12
CA GLU A 202 -23.59 8.86 -10.80
C GLU A 202 -23.83 8.12 -9.53
N PHE A 203 -22.82 7.46 -8.96
CA PHE A 203 -23.11 6.74 -7.71
C PHE A 203 -22.68 7.50 -6.49
N ILE A 204 -22.01 8.64 -6.69
CA ILE A 204 -21.52 9.33 -5.50
C ILE A 204 -22.68 9.70 -4.55
N PHE A 205 -23.70 10.35 -5.07
CA PHE A 205 -24.82 10.79 -4.23
C PHE A 205 -25.59 9.65 -3.57
N PRO A 206 -25.95 8.61 -4.34
CA PRO A 206 -26.67 7.55 -3.63
C PRO A 206 -25.88 6.91 -2.48
N LEU A 207 -24.60 6.61 -2.73
CA LEU A 207 -23.78 5.99 -1.67
C LEU A 207 -23.54 6.91 -0.47
N ILE A 208 -23.45 8.21 -0.71
CA ILE A 208 -23.24 9.08 0.45
C ILE A 208 -24.55 9.13 1.28
N ARG A 209 -25.71 8.99 0.61
CA ARG A 209 -26.96 8.96 1.40
C ARG A 209 -26.96 7.70 2.27
N ALA A 210 -26.52 6.58 1.70
CA ALA A 210 -26.44 5.34 2.48
C ALA A 210 -25.52 5.55 3.70
N ALA A 211 -24.39 6.21 3.49
CA ALA A 211 -23.44 6.36 4.61
C ALA A 211 -24.04 7.06 5.80
N VAL A 212 -24.77 8.17 5.58
CA VAL A 212 -25.35 8.89 6.70
C VAL A 212 -26.56 8.18 7.24
N ALA A 213 -27.26 7.37 6.42
CA ALA A 213 -28.39 6.63 6.99
C ALA A 213 -27.84 5.52 7.95
N VAL A 214 -26.75 4.86 7.57
CA VAL A 214 -26.07 3.86 8.43
C VAL A 214 -25.56 4.54 9.70
N GLY A 215 -24.85 5.66 9.48
CA GLY A 215 -24.32 6.46 10.60
C GLY A 215 -22.81 6.57 10.55
N CYS A 216 -22.27 7.77 10.37
CA CYS A 216 -20.82 7.98 10.39
C CYS A 216 -20.60 9.34 11.06
N ASP A 217 -19.34 9.69 11.30
CA ASP A 217 -19.04 10.94 11.99
C ASP A 217 -18.64 12.08 11.04
N GLY A 218 -18.57 11.79 9.74
CA GLY A 218 -18.26 12.79 8.75
C GLY A 218 -18.16 12.21 7.36
N VAL A 219 -17.97 13.11 6.41
CA VAL A 219 -17.82 12.63 5.04
C VAL A 219 -16.65 13.37 4.42
N PHE A 220 -16.04 12.74 3.42
CA PHE A 220 -14.92 13.31 2.71
C PHE A 220 -15.30 13.40 1.22
N MET A 221 -15.17 14.59 0.61
CA MET A 221 -15.49 14.70 -0.83
C MET A 221 -14.50 15.59 -1.59
N GLU A 222 -14.01 15.12 -2.71
CA GLU A 222 -13.14 15.94 -3.54
C GLU A 222 -14.08 16.76 -4.41
N THR A 223 -13.74 18.03 -4.61
CA THR A 223 -14.60 18.91 -5.38
C THR A 223 -13.71 19.92 -6.11
N HIS A 224 -14.11 20.23 -7.33
CA HIS A 224 -13.34 21.10 -8.25
C HIS A 224 -14.32 21.98 -9.05
N PRO A 225 -13.98 23.25 -9.31
CA PRO A 225 -14.92 24.10 -10.09
C PRO A 225 -15.29 23.44 -11.44
N GLU A 226 -14.35 22.75 -12.07
CA GLU A 226 -14.60 22.06 -13.36
C GLU A 226 -13.87 20.72 -13.40
N PRO A 227 -14.48 19.67 -12.83
CA PRO A 227 -13.86 18.33 -12.80
C PRO A 227 -13.19 17.78 -14.07
N GLU A 228 -13.84 17.94 -15.23
CA GLU A 228 -13.33 17.41 -16.51
C GLU A 228 -11.96 17.95 -16.84
N LYS A 229 -11.65 19.11 -16.28
CA LYS A 229 -10.36 19.77 -16.49
C LYS A 229 -9.36 19.48 -15.37
N ALA A 230 -9.79 18.77 -14.31
CA ALA A 230 -8.88 18.43 -13.20
C ALA A 230 -7.67 17.64 -13.67
N LEU A 231 -6.57 17.74 -12.94
CA LEU A 231 -5.31 17.05 -13.23
C LEU A 231 -5.25 15.68 -12.55
N SER A 232 -6.22 15.42 -11.66
CA SER A 232 -6.33 14.12 -10.98
C SER A 232 -7.80 13.88 -10.64
N ASP A 233 -8.23 12.62 -10.74
CA ASP A 233 -9.62 12.27 -10.39
C ASP A 233 -10.64 13.10 -11.13
N ALA A 234 -10.39 13.29 -12.43
CA ALA A 234 -11.29 14.09 -13.23
C ALA A 234 -12.69 13.50 -13.29
N SER A 235 -12.82 12.17 -13.32
CA SER A 235 -14.18 11.62 -13.39
C SER A 235 -14.90 11.39 -12.07
N THR A 236 -14.25 11.63 -10.93
CA THR A 236 -14.94 11.46 -9.66
C THR A 236 -15.07 12.76 -8.83
N GLN A 237 -14.27 13.78 -9.13
CA GLN A 237 -14.39 15.01 -8.35
C GLN A 237 -15.75 15.63 -8.61
N LEU A 238 -16.39 16.09 -7.54
CA LEU A 238 -17.71 16.69 -7.58
C LEU A 238 -17.70 18.15 -8.05
N PRO A 239 -18.61 18.52 -8.98
CA PRO A 239 -18.61 19.90 -9.40
C PRO A 239 -18.82 20.74 -8.17
N LEU A 240 -18.00 21.77 -7.98
CA LEU A 240 -18.16 22.64 -6.83
C LEU A 240 -19.57 23.18 -6.62
N SER A 241 -20.27 23.54 -7.70
CA SER A 241 -21.61 24.11 -7.50
C SER A 241 -22.60 23.13 -6.90
N GLN A 242 -22.31 21.84 -6.98
CA GLN A 242 -23.18 20.79 -6.43
C GLN A 242 -22.94 20.49 -4.93
N LEU A 243 -21.89 21.05 -4.37
CA LEU A 243 -21.55 20.74 -2.97
C LEU A 243 -22.60 21.15 -1.96
N GLU A 244 -23.11 22.39 -2.03
CA GLU A 244 -24.09 22.82 -1.06
C GLU A 244 -25.33 21.92 -0.99
N GLY A 245 -25.83 21.52 -2.14
CA GLY A 245 -27.04 20.70 -2.12
C GLY A 245 -26.75 19.31 -1.57
N ILE A 246 -25.59 18.73 -1.88
CA ILE A 246 -25.28 17.43 -1.31
C ILE A 246 -25.18 17.48 0.22
N ILE A 247 -24.50 18.50 0.72
CA ILE A 247 -24.34 18.68 2.15
C ILE A 247 -25.72 18.86 2.80
N GLU A 248 -26.58 19.68 2.19
CA GLU A 248 -27.93 19.85 2.84
C GLU A 248 -28.64 18.47 2.91
N ALA A 249 -28.59 17.72 1.82
CA ALA A 249 -29.27 16.44 1.79
C ALA A 249 -28.70 15.52 2.86
N ILE A 250 -27.37 15.48 3.04
CA ILE A 250 -26.89 14.51 4.04
C ILE A 250 -27.18 14.88 5.45
N LEU A 251 -27.19 16.20 5.73
CA LEU A 251 -27.56 16.69 7.06
C LEU A 251 -29.08 16.31 7.30
N GLU A 252 -29.91 16.40 6.28
CA GLU A 252 -31.34 16.05 6.46
C GLU A 252 -31.53 14.57 6.74
N ILE A 253 -30.87 13.77 5.89
CA ILE A 253 -30.98 12.30 6.08
C ILE A 253 -30.33 11.88 7.41
N ARG A 254 -29.16 12.46 7.71
CA ARG A 254 -28.56 12.19 9.03
C ARG A 254 -29.53 12.50 10.18
N GLU A 255 -30.13 13.67 10.14
CA GLU A 255 -31.01 14.04 11.25
C GLU A 255 -32.12 13.03 11.45
N VAL A 256 -32.80 12.67 10.39
CA VAL A 256 -33.92 11.78 10.53
C VAL A 256 -33.49 10.35 10.88
N ALA A 257 -32.32 9.93 10.42
CA ALA A 257 -31.87 8.56 10.78
C ALA A 257 -31.26 8.47 12.20
N SER A 258 -30.74 9.60 12.68
CA SER A 258 -29.95 9.62 13.90
C SER A 258 -30.53 9.00 15.11
N LYS A 259 -31.85 9.10 15.30
CA LYS A 259 -32.41 8.50 16.50
C LYS A 259 -32.28 6.97 16.50
N TYR A 260 -31.98 6.41 15.34
CA TYR A 260 -31.83 4.96 15.20
C TYR A 260 -30.38 4.47 15.18
N TYR A 261 -29.42 5.40 15.22
CA TYR A 261 -28.04 4.96 15.21
C TYR A 261 -27.82 4.09 16.46
N GLU A 262 -27.22 2.92 16.29
CA GLU A 262 -26.96 2.03 17.45
C GLU A 262 -25.78 2.47 18.32
N THR A 263 -25.82 2.07 19.57
CA THR A 263 -24.75 2.39 20.51
C THR A 263 -23.59 1.38 20.47
N ILE A 264 -22.36 1.88 20.23
CA ILE A 264 -21.16 1.03 20.23
C ILE A 264 -20.83 0.37 21.63
N GLU B 2 18.24 -17.03 -20.33
CA GLU B 2 18.61 -16.67 -18.91
C GLU B 2 18.26 -17.87 -17.99
N LYS B 3 18.85 -17.93 -16.80
CA LYS B 3 18.49 -19.10 -15.98
C LYS B 3 17.42 -18.87 -14.90
N PHE B 4 16.76 -19.96 -14.54
CA PHE B 4 15.69 -19.93 -13.55
C PHE B 4 16.16 -19.41 -12.20
N LEU B 5 15.40 -18.47 -11.67
CA LEU B 5 15.72 -17.88 -10.38
C LEU B 5 15.05 -18.53 -9.20
N VAL B 6 15.79 -18.75 -8.15
CA VAL B 6 15.22 -19.19 -6.90
C VAL B 6 15.68 -18.13 -5.87
N ILE B 7 14.73 -17.42 -5.25
CA ILE B 7 15.05 -16.41 -4.25
C ILE B 7 14.61 -17.03 -2.99
N ALA B 8 15.51 -17.19 -2.04
CA ALA B 8 15.15 -17.89 -0.84
C ALA B 8 15.91 -17.43 0.35
N GLY B 9 15.31 -17.63 1.53
CA GLY B 9 15.93 -17.21 2.77
C GLY B 9 14.92 -16.99 3.87
N PRO B 10 15.37 -16.67 5.10
CA PRO B 10 14.48 -16.45 6.23
C PRO B 10 13.72 -15.09 6.07
N CYS B 11 12.47 -15.05 6.53
CA CYS B 11 11.66 -13.83 6.31
C CYS B 11 12.42 -12.61 6.84
N ALA B 12 12.76 -12.67 8.11
CA ALA B 12 13.46 -11.58 8.81
C ALA B 12 14.94 -11.90 9.24
N ILE B 13 15.80 -10.88 9.24
CA ILE B 13 17.21 -11.04 9.69
C ILE B 13 17.10 -11.07 11.20
N GLU B 14 16.75 -12.24 11.73
CA GLU B 14 16.61 -12.41 13.15
C GLU B 14 18.00 -12.33 13.85
N SER B 15 19.03 -12.69 13.11
CA SER B 15 20.43 -12.61 13.62
C SER B 15 21.38 -12.99 12.51
N GLU B 16 22.55 -12.36 12.56
CA GLU B 16 23.59 -12.63 11.56
C GLU B 16 23.83 -14.14 11.54
N GLU B 17 23.67 -14.80 12.67
CA GLU B 17 23.86 -16.24 12.75
C GLU B 17 22.89 -17.03 11.87
N LEU B 18 21.59 -16.84 12.12
CA LEU B 18 20.55 -17.53 11.37
C LEU B 18 20.79 -17.35 9.90
N LEU B 19 21.14 -16.13 9.46
CA LEU B 19 21.38 -15.95 8.03
C LEU B 19 22.51 -16.85 7.53
N LEU B 20 23.50 -17.07 8.39
CA LEU B 20 24.65 -17.88 7.99
C LEU B 20 24.27 -19.33 7.93
N LYS B 21 23.43 -19.78 8.84
CA LYS B 21 23.00 -21.17 8.75
C LYS B 21 22.19 -21.36 7.45
N VAL B 22 21.23 -20.48 7.21
CA VAL B 22 20.45 -20.59 6.00
C VAL B 22 21.34 -20.37 4.78
N GLY B 23 22.29 -19.47 4.89
CA GLY B 23 23.17 -19.21 3.77
C GLY B 23 23.99 -20.44 3.36
N GLU B 24 24.37 -21.21 4.35
CA GLU B 24 25.15 -22.41 4.14
C GLU B 24 24.37 -23.45 3.28
N GLU B 25 23.10 -23.63 3.62
CA GLU B 25 22.26 -24.58 2.91
C GLU B 25 21.96 -24.10 1.51
N ILE B 26 21.79 -22.79 1.34
CA ILE B 26 21.52 -22.27 0.03
C ILE B 26 22.81 -22.36 -0.79
N LYS B 27 23.95 -22.17 -0.13
CA LYS B 27 25.23 -22.31 -0.85
C LYS B 27 25.32 -23.75 -1.36
N ARG B 28 25.04 -24.68 -0.45
CA ARG B 28 25.08 -26.06 -0.84
C ARG B 28 24.18 -26.35 -2.08
N LEU B 29 22.90 -25.96 -2.02
CA LEU B 29 21.97 -26.22 -3.15
C LEU B 29 22.48 -25.50 -4.39
N SER B 30 23.09 -24.37 -4.16
CA SER B 30 23.63 -23.59 -5.24
C SER B 30 24.67 -24.43 -6.06
N GLU B 31 25.41 -25.27 -5.38
CA GLU B 31 26.48 -26.06 -6.03
C GLU B 31 25.88 -27.31 -6.68
N LYS B 32 24.78 -27.75 -6.08
CA LYS B 32 24.06 -28.89 -6.59
C LYS B 32 23.21 -28.57 -7.82
N PHE B 33 22.65 -27.36 -7.92
CA PHE B 33 21.78 -27.02 -9.03
C PHE B 33 22.39 -25.85 -9.80
N LYS B 34 23.39 -26.14 -10.64
CA LYS B 34 24.10 -25.11 -11.40
C LYS B 34 23.29 -24.38 -12.44
N GLU B 35 22.17 -24.93 -12.88
CA GLU B 35 21.42 -24.18 -13.89
C GLU B 35 20.57 -23.08 -13.23
N VAL B 36 20.41 -23.13 -11.94
CA VAL B 36 19.60 -22.15 -11.20
C VAL B 36 20.42 -21.01 -10.64
N GLU B 37 19.90 -19.78 -10.75
CA GLU B 37 20.54 -18.62 -10.15
C GLU B 37 19.84 -18.44 -8.77
N PHE B 38 20.57 -18.69 -7.70
CA PHE B 38 20.03 -18.53 -6.35
C PHE B 38 20.26 -17.10 -5.85
N VAL B 39 19.27 -16.50 -5.20
CA VAL B 39 19.45 -15.15 -4.66
C VAL B 39 19.02 -15.28 -3.21
N PHE B 40 19.90 -14.93 -2.27
CA PHE B 40 19.57 -15.03 -0.85
C PHE B 40 18.73 -13.78 -0.41
N LYS B 41 17.64 -14.04 0.29
CA LYS B 41 16.73 -12.95 0.74
C LYS B 41 16.48 -12.94 2.21
N SER B 42 16.45 -11.73 2.79
CA SER B 42 16.03 -11.55 4.18
C SER B 42 15.78 -10.05 4.35
N SER B 43 14.79 -9.71 5.18
CA SER B 43 14.37 -8.33 5.42
C SER B 43 15.03 -7.77 6.68
N PHE B 44 15.54 -6.55 6.58
CA PHE B 44 16.16 -5.93 7.75
C PHE B 44 15.11 -5.26 8.62
N ASP B 45 13.92 -5.08 8.04
CA ASP B 45 12.83 -4.47 8.83
C ASP B 45 11.45 -4.90 8.35
N LYS B 46 10.64 -5.44 9.24
CA LYS B 46 9.22 -5.80 8.85
C LYS B 46 8.48 -4.49 9.24
N ALA B 47 8.46 -3.60 8.26
CA ALA B 47 7.91 -2.24 8.42
C ALA B 47 6.35 -2.11 8.36
N ASN B 48 5.66 -3.21 8.09
CA ASN B 48 4.19 -3.13 7.93
C ASN B 48 3.45 -4.18 8.73
N ARG B 49 3.98 -4.56 9.92
CA ARG B 49 3.29 -5.59 10.70
C ARG B 49 1.94 -5.10 11.14
N SER B 50 1.01 -6.00 11.30
CA SER B 50 -0.28 -5.56 11.77
C SER B 50 -0.23 -4.92 13.19
N SER B 51 0.57 -5.51 14.11
CA SER B 51 0.60 -5.03 15.51
C SER B 51 1.83 -4.22 15.85
N ILE B 52 1.65 -3.15 16.60
CA ILE B 52 2.81 -2.35 17.02
C ILE B 52 3.73 -3.22 17.96
N HIS B 53 3.17 -4.29 18.53
CA HIS B 53 3.96 -5.14 19.44
C HIS B 53 4.74 -6.29 18.79
N SER B 54 4.70 -6.38 17.47
CA SER B 54 5.39 -7.44 16.72
C SER B 54 6.83 -7.11 16.35
N PHE B 55 7.60 -8.16 16.06
CA PHE B 55 9.02 -8.03 15.67
C PHE B 55 9.22 -7.33 14.39
N ARG B 56 10.09 -6.32 14.42
CA ARG B 56 10.40 -5.59 13.21
C ARG B 56 11.80 -5.96 12.75
N GLY B 57 12.74 -6.02 13.70
CA GLY B 57 14.11 -6.28 13.28
C GLY B 57 15.17 -5.53 14.07
N HIS B 58 16.38 -5.50 13.51
CA HIS B 58 17.56 -4.94 14.16
C HIS B 58 18.12 -3.74 13.44
N GLY B 59 17.35 -3.24 12.51
CA GLY B 59 17.78 -2.04 11.81
C GLY B 59 18.48 -2.32 10.52
N LEU B 60 18.52 -1.30 9.70
CA LEU B 60 19.13 -1.36 8.41
C LEU B 60 20.65 -1.61 8.49
N GLU B 61 21.34 -0.98 9.46
CA GLU B 61 22.79 -1.13 9.52
C GLU B 61 23.24 -2.54 9.80
N TYR B 62 22.70 -3.08 10.88
CA TYR B 62 22.95 -4.44 11.27
C TYR B 62 22.52 -5.41 10.16
N GLY B 63 21.38 -5.12 9.52
CA GLY B 63 20.89 -5.98 8.47
C GLY B 63 21.82 -6.02 7.27
N VAL B 64 22.26 -4.84 6.78
CA VAL B 64 23.13 -4.80 5.63
C VAL B 64 24.46 -5.51 5.96
N LYS B 65 24.87 -5.40 7.22
CA LYS B 65 26.11 -6.01 7.67
C LYS B 65 26.01 -7.53 7.61
N ALA B 66 24.90 -8.07 8.17
CA ALA B 66 24.68 -9.52 8.16
C ALA B 66 24.57 -10.03 6.70
N LEU B 67 23.89 -9.30 5.82
CA LEU B 67 23.77 -9.71 4.41
C LEU B 67 25.12 -9.61 3.68
N ARG B 68 25.94 -8.67 4.12
CA ARG B 68 27.23 -8.54 3.49
C ARG B 68 28.02 -9.79 3.87
N LYS B 69 27.87 -10.21 5.10
CA LYS B 69 28.57 -11.39 5.56
C LYS B 69 28.19 -12.63 4.73
N VAL B 70 26.90 -12.77 4.37
CA VAL B 70 26.46 -13.91 3.58
C VAL B 70 27.06 -13.85 2.17
N LYS B 71 27.06 -12.68 1.57
CA LYS B 71 27.64 -12.56 0.23
C LYS B 71 29.18 -12.83 0.22
N GLU B 72 29.87 -12.32 1.25
CA GLU B 72 31.34 -12.48 1.39
C GLU B 72 31.67 -13.96 1.66
N GLU B 73 31.01 -14.52 2.66
CA GLU B 73 31.23 -15.90 3.05
C GLU B 73 30.83 -16.96 2.02
N PHE B 74 29.73 -16.75 1.30
CA PHE B 74 29.24 -17.74 0.35
C PHE B 74 29.20 -17.37 -1.11
N GLY B 75 29.46 -16.13 -1.46
CA GLY B 75 29.43 -15.74 -2.86
C GLY B 75 28.03 -15.70 -3.47
N LEU B 76 27.01 -15.61 -2.60
CA LEU B 76 25.60 -15.58 -3.05
C LEU B 76 25.07 -14.19 -3.39
N LYS B 77 24.33 -14.03 -4.47
CA LYS B 77 23.69 -12.73 -4.73
C LYS B 77 22.69 -12.48 -3.60
N ILE B 78 22.37 -11.22 -3.41
CA ILE B 78 21.53 -10.80 -2.27
C ILE B 78 20.32 -9.96 -2.69
N THR B 79 19.23 -10.08 -1.92
CA THR B 79 18.07 -9.25 -2.16
C THR B 79 17.42 -8.89 -0.82
N THR B 80 17.00 -7.64 -0.69
CA THR B 80 16.29 -7.28 0.53
C THR B 80 15.30 -6.19 0.09
N ASP B 81 14.32 -5.89 0.95
CA ASP B 81 13.35 -4.88 0.57
C ASP B 81 13.52 -3.48 1.19
N ILE B 82 13.11 -2.45 0.50
CA ILE B 82 13.20 -1.10 1.09
C ILE B 82 11.78 -0.61 1.36
N HIS B 83 11.67 0.37 2.25
CA HIS B 83 10.37 0.91 2.64
C HIS B 83 10.19 2.41 2.47
N GLU B 84 11.31 3.14 2.31
CA GLU B 84 11.30 4.56 2.06
C GLU B 84 12.49 4.83 1.13
N SER B 85 12.35 5.87 0.30
CA SER B 85 13.31 6.23 -0.71
C SER B 85 14.75 6.34 -0.24
N TRP B 86 14.96 6.94 0.91
CA TRP B 86 16.33 7.10 1.43
C TRP B 86 17.07 5.77 1.61
N GLN B 87 16.34 4.67 1.86
CA GLN B 87 17.00 3.40 2.07
C GLN B 87 17.60 2.75 0.84
N ALA B 88 17.21 3.19 -0.34
CA ALA B 88 17.68 2.55 -1.56
C ALA B 88 19.21 2.51 -1.75
N GLU B 89 19.85 3.68 -1.68
CA GLU B 89 21.33 3.74 -1.84
C GLU B 89 22.10 2.90 -0.83
N PRO B 90 21.80 2.98 0.48
CA PRO B 90 22.58 2.13 1.40
C PRO B 90 22.38 0.63 1.19
N VAL B 91 21.16 0.25 0.83
CA VAL B 91 20.85 -1.15 0.59
C VAL B 91 21.52 -1.60 -0.73
N ALA B 92 21.59 -0.73 -1.72
CA ALA B 92 22.23 -1.06 -2.96
C ALA B 92 23.74 -1.47 -2.84
N GLU B 93 24.43 -1.15 -1.73
CA GLU B 93 25.86 -1.54 -1.59
C GLU B 93 26.00 -3.05 -1.55
N VAL B 94 24.98 -3.73 -0.97
CA VAL B 94 25.00 -5.17 -0.84
C VAL B 94 23.96 -5.91 -1.70
N ALA B 95 22.83 -5.27 -1.98
CA ALA B 95 21.76 -5.97 -2.70
C ALA B 95 21.86 -5.97 -4.19
N ASP B 96 21.91 -7.14 -4.80
CA ASP B 96 21.95 -7.22 -6.27
C ASP B 96 20.56 -6.93 -6.82
N ILE B 97 19.54 -7.28 -6.02
CA ILE B 97 18.14 -7.04 -6.40
C ILE B 97 17.45 -6.30 -5.27
N ILE B 98 16.82 -5.18 -5.60
CA ILE B 98 16.14 -4.39 -4.58
C ILE B 98 14.67 -4.75 -4.70
N GLN B 99 14.11 -5.16 -3.55
CA GLN B 99 12.70 -5.56 -3.53
C GLN B 99 11.75 -4.46 -3.10
N ILE B 100 10.63 -4.30 -3.82
CA ILE B 100 9.60 -3.26 -3.47
C ILE B 100 8.39 -4.01 -2.84
N PRO B 101 8.02 -3.69 -1.61
CA PRO B 101 6.89 -4.35 -0.92
C PRO B 101 5.62 -4.23 -1.69
N ALA B 102 4.73 -5.21 -1.52
CA ALA B 102 3.47 -5.21 -2.32
C ALA B 102 2.59 -3.99 -2.01
N PHE B 103 2.45 -3.63 -0.75
CA PHE B 103 1.60 -2.43 -0.48
C PHE B 103 2.21 -1.17 -1.07
N LEU B 104 3.52 -1.23 -1.42
CA LEU B 104 4.24 -0.01 -1.92
C LEU B 104 4.56 -0.02 -3.38
N CYS B 105 3.92 -0.95 -4.10
CA CYS B 105 4.16 -1.08 -5.53
C CYS B 105 3.76 0.10 -6.38
N ARG B 106 2.98 1.05 -5.86
CA ARG B 106 2.60 2.21 -6.66
C ARG B 106 3.28 3.47 -6.14
N GLN B 107 4.20 3.35 -5.19
CA GLN B 107 4.82 4.58 -4.62
C GLN B 107 5.94 5.00 -5.58
N THR B 108 5.59 5.95 -6.45
CA THR B 108 6.53 6.45 -7.50
C THR B 108 7.96 6.73 -6.98
N ASP B 109 8.15 7.53 -5.94
CA ASP B 109 9.51 7.79 -5.45
C ASP B 109 10.37 6.61 -4.99
N LEU B 110 9.72 5.60 -4.39
CA LEU B 110 10.39 4.41 -3.93
C LEU B 110 10.90 3.60 -5.13
N LEU B 111 10.06 3.51 -6.16
CA LEU B 111 10.43 2.80 -7.39
C LEU B 111 11.60 3.57 -8.07
N LEU B 112 11.47 4.89 -8.11
CA LEU B 112 12.52 5.68 -8.78
C LEU B 112 13.82 5.62 -8.02
N ALA B 113 13.75 5.67 -6.68
CA ALA B 113 14.95 5.59 -5.84
C ALA B 113 15.64 4.25 -6.06
N ALA B 114 14.83 3.20 -6.14
CA ALA B 114 15.38 1.87 -6.41
C ALA B 114 16.00 1.85 -7.82
N ALA B 115 15.32 2.33 -8.84
CA ALA B 115 15.88 2.29 -10.20
C ALA B 115 17.22 3.08 -10.30
N LYS B 116 17.27 4.23 -9.65
CA LYS B 116 18.47 5.05 -9.69
C LYS B 116 19.76 4.36 -9.14
N THR B 117 19.64 3.36 -8.27
CA THR B 117 20.85 2.66 -7.74
C THR B 117 21.59 1.81 -8.79
N GLY B 118 21.02 1.64 -9.98
CA GLY B 118 21.65 0.80 -10.97
C GLY B 118 21.39 -0.69 -10.73
N ARG B 119 20.85 -1.09 -9.57
CA ARG B 119 20.56 -2.51 -9.31
C ARG B 119 19.30 -3.01 -9.98
N ALA B 120 19.14 -4.31 -9.95
CA ALA B 120 17.90 -4.92 -10.50
C ALA B 120 16.80 -4.64 -9.43
N VAL B 121 15.55 -4.56 -9.88
CA VAL B 121 14.43 -4.29 -8.99
C VAL B 121 13.31 -5.34 -9.15
N ASN B 122 12.83 -5.88 -8.01
CA ASN B 122 11.72 -6.88 -8.03
C ASN B 122 10.52 -6.22 -7.32
N VAL B 123 9.43 -5.99 -8.03
CA VAL B 123 8.30 -5.32 -7.35
C VAL B 123 7.25 -6.40 -7.00
N LYS B 124 6.91 -6.54 -5.70
CA LYS B 124 5.83 -7.47 -5.34
C LYS B 124 4.53 -6.86 -5.86
N LYS B 125 3.73 -7.62 -6.64
CA LYS B 125 2.46 -7.06 -7.14
C LYS B 125 1.44 -6.84 -6.00
N GLY B 126 0.91 -5.63 -5.87
CA GLY B 126 -0.03 -5.38 -4.77
C GLY B 126 -1.25 -6.27 -4.80
N GLN B 127 -1.74 -6.63 -3.59
CA GLN B 127 -2.96 -7.48 -3.45
C GLN B 127 -4.21 -6.78 -4.11
N PHE B 128 -4.09 -5.48 -4.38
CA PHE B 128 -5.13 -4.64 -4.99
C PHE B 128 -4.98 -4.42 -6.49
N LEU B 129 -3.83 -4.82 -7.04
CA LEU B 129 -3.48 -4.61 -8.45
C LEU B 129 -3.89 -5.65 -9.45
N ALA B 130 -4.55 -5.26 -10.54
CA ALA B 130 -4.90 -6.20 -11.61
C ALA B 130 -3.56 -6.47 -12.36
N PRO B 131 -3.40 -7.67 -12.95
CA PRO B 131 -2.15 -8.03 -13.66
C PRO B 131 -1.78 -7.04 -14.81
N TRP B 132 -2.79 -6.58 -15.57
CA TRP B 132 -2.55 -5.64 -16.70
C TRP B 132 -2.10 -4.26 -16.17
N ASP B 133 -2.40 -3.99 -14.92
CA ASP B 133 -1.96 -2.72 -14.40
C ASP B 133 -0.51 -2.71 -13.89
N THR B 134 0.22 -3.79 -14.10
CA THR B 134 1.62 -3.78 -13.72
C THR B 134 2.45 -3.18 -14.89
N LYS B 135 1.85 -3.00 -16.04
CA LYS B 135 2.61 -2.44 -17.14
C LYS B 135 3.13 -1.04 -16.75
N ASN B 136 2.29 -0.24 -16.07
CA ASN B 136 2.72 1.10 -15.65
C ASN B 136 3.78 1.04 -14.58
N VAL B 137 3.80 -0.03 -13.80
CA VAL B 137 4.82 -0.17 -12.77
C VAL B 137 6.20 -0.32 -13.46
N VAL B 138 6.22 -1.19 -14.47
CA VAL B 138 7.45 -1.43 -15.23
C VAL B 138 7.88 -0.14 -15.91
N GLU B 139 6.91 0.58 -16.47
CA GLU B 139 7.26 1.81 -17.14
C GLU B 139 7.90 2.83 -16.19
N LYS B 140 7.43 2.90 -14.94
CA LYS B 140 8.07 3.81 -14.00
C LYS B 140 9.53 3.43 -13.79
N LEU B 141 9.79 2.14 -13.62
CA LEU B 141 11.14 1.71 -13.37
C LEU B 141 12.04 1.94 -14.59
N LYS B 142 11.52 1.72 -15.79
CA LYS B 142 12.36 1.96 -16.97
C LYS B 142 12.72 3.44 -17.07
N PHE B 143 11.71 4.29 -16.84
CA PHE B 143 11.88 5.73 -16.88
C PHE B 143 12.96 6.12 -15.88
N GLY B 144 13.01 5.40 -14.75
CA GLY B 144 13.98 5.64 -13.71
C GLY B 144 15.37 5.05 -13.94
N GLY B 145 15.57 4.41 -15.08
CA GLY B 145 16.88 3.82 -15.39
C GLY B 145 17.14 2.34 -15.14
N ALA B 146 16.13 1.66 -14.64
CA ALA B 146 16.23 0.26 -14.30
C ALA B 146 16.28 -0.54 -15.56
N LYS B 147 17.13 -1.56 -15.58
CA LYS B 147 17.16 -2.40 -16.77
C LYS B 147 16.82 -3.89 -16.51
N GLU B 148 16.96 -4.38 -15.28
CA GLU B 148 16.61 -5.78 -14.99
C GLU B 148 15.40 -5.61 -14.06
N ILE B 149 14.19 -5.88 -14.60
CA ILE B 149 12.97 -5.70 -13.82
C ILE B 149 12.18 -7.00 -13.63
N TYR B 150 11.78 -7.27 -12.39
CA TYR B 150 10.96 -8.45 -12.07
C TYR B 150 9.62 -8.02 -11.43
N LEU B 151 8.60 -8.83 -11.67
CA LEU B 151 7.26 -8.61 -11.06
C LEU B 151 7.00 -9.92 -10.35
N THR B 152 6.59 -9.85 -9.09
CA THR B 152 6.31 -11.07 -8.29
C THR B 152 4.83 -11.22 -7.95
N GLU B 153 4.32 -12.38 -8.32
CA GLU B 153 2.97 -12.73 -8.02
C GLU B 153 2.91 -13.20 -6.55
N ARG B 154 2.02 -12.56 -5.78
CA ARG B 154 1.87 -12.93 -4.35
C ARG B 154 0.44 -13.02 -3.84
N GLY B 155 -0.48 -13.17 -4.77
CA GLY B 155 -1.88 -13.33 -4.42
C GLY B 155 -2.64 -12.04 -4.55
N THR B 156 -3.95 -12.16 -4.60
CA THR B 156 -4.80 -11.00 -4.76
C THR B 156 -5.94 -11.06 -3.71
N THR B 157 -6.35 -9.89 -3.24
CA THR B 157 -7.41 -9.82 -2.26
C THR B 157 -8.68 -10.56 -2.69
N PHE B 158 -9.15 -11.49 -1.86
CA PHE B 158 -10.31 -12.29 -2.23
C PHE B 158 -11.22 -12.25 -1.00
N GLY B 159 -12.13 -11.28 -0.96
CA GLY B 159 -12.93 -11.11 0.24
C GLY B 159 -12.02 -10.65 1.42
N TYR B 160 -12.43 -10.82 2.67
CA TYR B 160 -11.59 -10.45 3.84
C TYR B 160 -10.66 -11.60 4.30
N ASN B 161 -9.46 -11.25 4.72
CA ASN B 161 -8.47 -12.19 5.33
C ASN B 161 -8.15 -13.43 4.47
N ASN B 162 -8.10 -13.22 3.17
CA ASN B 162 -7.84 -14.33 2.25
C ASN B 162 -7.27 -13.81 0.97
N LEU B 163 -6.37 -14.56 0.35
CA LEU B 163 -5.76 -14.15 -0.94
C LEU B 163 -6.00 -15.34 -1.90
N VAL B 164 -6.20 -15.07 -3.16
CA VAL B 164 -6.33 -16.16 -4.12
C VAL B 164 -5.20 -15.90 -5.15
N VAL B 165 -4.59 -16.96 -5.69
CA VAL B 165 -3.63 -16.77 -6.79
C VAL B 165 -4.36 -16.93 -8.13
N ASP B 166 -4.44 -15.85 -8.91
CA ASP B 166 -5.06 -15.96 -10.22
C ASP B 166 -3.88 -16.27 -11.18
N PHE B 167 -3.71 -17.53 -11.60
CA PHE B 167 -2.54 -17.86 -12.44
C PHE B 167 -2.53 -17.23 -13.84
N ARG B 168 -3.66 -16.65 -14.24
CA ARG B 168 -3.67 -15.93 -15.48
C ARG B 168 -2.69 -14.76 -15.42
N SER B 169 -2.33 -14.30 -14.21
CA SER B 169 -1.41 -13.15 -14.14
C SER B 169 0.01 -13.47 -14.66
N LEU B 170 0.43 -14.74 -14.54
CA LEU B 170 1.81 -15.14 -15.01
C LEU B 170 1.99 -14.80 -16.47
N PRO B 171 1.15 -15.32 -17.37
CA PRO B 171 1.31 -14.95 -18.77
C PRO B 171 1.04 -13.48 -19.09
N ILE B 172 0.16 -12.84 -18.37
CA ILE B 172 -0.06 -11.44 -18.62
C ILE B 172 1.17 -10.60 -18.24
N MET B 173 1.72 -10.79 -17.03
CA MET B 173 2.85 -9.97 -16.60
C MET B 173 4.13 -10.19 -17.42
N LYS B 174 4.28 -11.41 -17.93
CA LYS B 174 5.43 -11.79 -18.76
C LYS B 174 5.54 -10.90 -20.02
N GLN B 175 4.47 -10.24 -20.43
CA GLN B 175 4.56 -9.38 -21.61
C GLN B 175 5.50 -8.21 -21.34
N TRP B 176 5.79 -7.90 -20.08
CA TRP B 176 6.60 -6.74 -19.84
C TRP B 176 7.68 -6.87 -18.80
N ALA B 177 7.76 -8.00 -18.14
CA ALA B 177 8.86 -8.23 -17.21
C ALA B 177 9.05 -9.72 -16.92
N LYS B 178 10.15 -10.06 -16.27
CA LYS B 178 10.38 -11.42 -15.86
C LYS B 178 9.44 -11.56 -14.66
N VAL B 179 8.88 -12.75 -14.50
CA VAL B 179 7.91 -12.99 -13.47
C VAL B 179 8.36 -14.04 -12.49
N ILE B 180 8.22 -13.71 -11.21
CA ILE B 180 8.58 -14.58 -10.14
C ILE B 180 7.31 -14.97 -9.38
N TYR B 181 7.21 -16.23 -8.95
CA TYR B 181 6.05 -16.61 -8.15
C TYR B 181 6.45 -16.74 -6.69
N ASP B 182 5.80 -15.98 -5.80
CA ASP B 182 6.07 -16.03 -4.37
C ASP B 182 5.17 -17.16 -3.78
N ALA B 183 5.82 -18.25 -3.42
CA ALA B 183 5.15 -19.45 -2.92
C ALA B 183 4.72 -19.37 -1.50
N THR B 184 5.37 -18.51 -0.70
CA THR B 184 5.02 -18.46 0.70
C THR B 184 4.00 -17.36 1.06
N HIS B 185 4.06 -16.16 0.49
CA HIS B 185 3.02 -15.21 0.88
C HIS B 185 1.70 -15.45 0.17
N SER B 186 1.73 -16.19 -0.94
CA SER B 186 0.50 -16.38 -1.73
C SER B 186 -0.54 -17.21 -0.97
N VAL B 187 -0.10 -17.96 0.03
CA VAL B 187 -1.05 -18.80 0.77
C VAL B 187 -1.28 -18.28 2.20
N GLN B 188 -0.72 -17.13 2.53
CA GLN B 188 -0.93 -16.58 3.89
C GLN B 188 -2.39 -15.95 3.92
N LEU B 189 -2.98 -15.91 5.11
CA LEU B 189 -4.32 -15.34 5.30
C LEU B 189 -3.99 -13.99 5.98
N PRO B 190 -4.15 -12.88 5.26
CA PRO B 190 -3.81 -11.57 5.87
C PRO B 190 -4.66 -11.18 7.10
N GLY B 191 -4.02 -10.43 8.01
CA GLY B 191 -4.69 -10.00 9.22
C GLY B 191 -5.05 -11.26 10.00
N GLY B 199 -1.56 -18.50 7.45
CA GLY B 199 -1.90 -18.97 6.14
C GLY B 199 -1.88 -20.49 6.19
N MET B 200 -1.73 -21.18 5.06
CA MET B 200 -1.70 -22.63 5.11
C MET B 200 -0.52 -23.27 4.37
N ARG B 201 0.40 -23.77 5.19
CA ARG B 201 1.58 -24.45 4.71
C ARG B 201 1.25 -25.59 3.73
N GLU B 202 0.15 -26.31 3.98
CA GLU B 202 -0.23 -27.42 3.11
C GLU B 202 -0.44 -27.00 1.64
N PHE B 203 -0.61 -25.71 1.34
CA PHE B 203 -0.83 -25.37 -0.04
C PHE B 203 0.40 -24.81 -0.79
N ILE B 204 1.50 -24.63 -0.08
CA ILE B 204 2.70 -24.06 -0.69
C ILE B 204 3.22 -24.86 -1.92
N PHE B 205 3.44 -26.16 -1.69
CA PHE B 205 4.05 -27.05 -2.72
C PHE B 205 3.07 -27.23 -3.91
N PRO B 206 1.77 -27.49 -3.64
CA PRO B 206 0.83 -27.61 -4.76
C PRO B 206 0.82 -26.37 -5.65
N LEU B 207 0.79 -25.17 -5.05
CA LEU B 207 0.73 -24.00 -5.87
C LEU B 207 2.04 -23.67 -6.59
N ILE B 208 3.17 -24.02 -5.99
CA ILE B 208 4.43 -23.80 -6.66
C ILE B 208 4.48 -24.77 -7.86
N ARG B 209 3.90 -25.95 -7.74
CA ARG B 209 3.88 -26.83 -8.89
C ARG B 209 3.06 -26.18 -9.98
N ALA B 210 1.93 -25.55 -9.65
CA ALA B 210 1.12 -24.88 -10.65
C ALA B 210 1.93 -23.79 -11.34
N ALA B 211 2.61 -22.97 -10.55
CA ALA B 211 3.36 -21.82 -11.11
C ALA B 211 4.35 -22.31 -12.19
N VAL B 212 5.12 -23.38 -11.94
CA VAL B 212 6.07 -23.81 -12.98
C VAL B 212 5.37 -24.53 -14.12
N ALA B 213 4.19 -25.14 -13.91
CA ALA B 213 3.50 -25.76 -15.01
C ALA B 213 2.99 -24.65 -15.91
N VAL B 214 2.55 -23.54 -15.32
CA VAL B 214 2.07 -22.44 -16.13
C VAL B 214 3.25 -21.75 -16.90
N GLY B 215 4.30 -21.51 -16.15
CA GLY B 215 5.49 -20.86 -16.65
C GLY B 215 5.81 -19.51 -15.97
N CYS B 216 6.95 -19.48 -15.30
CA CYS B 216 7.42 -18.26 -14.62
C CYS B 216 8.96 -18.25 -14.80
N ASP B 217 9.59 -17.15 -14.40
CA ASP B 217 11.05 -17.06 -14.53
C ASP B 217 11.77 -17.37 -13.25
N GLY B 218 11.01 -17.53 -12.18
CA GLY B 218 11.61 -17.84 -10.92
C GLY B 218 10.59 -18.00 -9.85
N VAL B 219 11.05 -18.50 -8.71
CA VAL B 219 10.19 -18.69 -7.57
C VAL B 219 10.84 -18.01 -6.38
N PHE B 220 10.01 -17.55 -5.45
CA PHE B 220 10.43 -16.88 -4.24
C PHE B 220 9.94 -17.72 -3.05
N MET B 221 10.81 -18.14 -2.15
CA MET B 221 10.38 -18.92 -1.00
C MET B 221 11.05 -18.55 0.27
N GLU B 222 10.27 -18.23 1.30
CA GLU B 222 10.89 -17.96 2.61
C GLU B 222 11.09 -19.28 3.32
N THR B 223 12.27 -19.46 3.90
CA THR B 223 12.64 -20.72 4.52
C THR B 223 13.41 -20.47 5.83
N HIS B 224 13.26 -21.35 6.79
CA HIS B 224 13.83 -21.14 8.12
C HIS B 224 14.07 -22.53 8.70
N PRO B 225 15.20 -22.74 9.40
CA PRO B 225 15.53 -24.05 10.00
C PRO B 225 14.41 -24.51 10.90
N GLU B 226 13.73 -23.58 11.57
CA GLU B 226 12.63 -23.96 12.45
C GLU B 226 11.56 -22.90 12.40
N PRO B 227 10.72 -22.95 11.36
CA PRO B 227 9.62 -22.00 11.13
C PRO B 227 8.75 -21.65 12.36
N GLU B 228 8.39 -22.64 13.17
CA GLU B 228 7.57 -22.41 14.36
C GLU B 228 8.20 -21.39 15.30
N LYS B 229 9.52 -21.34 15.32
CA LYS B 229 10.23 -20.40 16.16
C LYS B 229 10.57 -19.06 15.45
N ALA B 230 10.23 -18.93 14.17
CA ALA B 230 10.51 -17.68 13.48
C ALA B 230 9.75 -16.51 14.10
N LEU B 231 10.28 -15.31 13.91
CA LEU B 231 9.70 -14.10 14.49
C LEU B 231 8.74 -13.39 13.55
N SER B 232 8.60 -13.95 12.34
CA SER B 232 7.75 -13.37 11.33
C SER B 232 7.39 -14.51 10.39
N ASP B 233 6.18 -14.45 9.78
CA ASP B 233 5.67 -15.49 8.87
C ASP B 233 5.93 -16.89 9.42
N ALA B 234 5.77 -17.09 10.70
CA ALA B 234 5.99 -18.41 11.27
C ALA B 234 5.09 -19.50 10.65
N SER B 235 3.86 -19.15 10.32
CA SER B 235 2.90 -20.08 9.76
C SER B 235 3.18 -20.55 8.36
N THR B 236 4.01 -19.81 7.61
CA THR B 236 4.27 -20.17 6.23
C THR B 236 5.71 -20.38 5.80
N GLN B 237 6.67 -20.08 6.65
CA GLN B 237 8.05 -20.29 6.20
C GLN B 237 8.34 -21.78 5.99
N LEU B 238 8.95 -22.11 4.87
CA LEU B 238 9.26 -23.54 4.63
C LEU B 238 10.42 -24.08 5.50
N PRO B 239 10.27 -25.29 6.08
CA PRO B 239 11.36 -25.84 6.88
C PRO B 239 12.53 -26.00 5.92
N LEU B 240 13.70 -25.55 6.35
CA LEU B 240 14.90 -25.57 5.51
C LEU B 240 15.20 -26.92 4.88
N SER B 241 14.92 -27.97 5.63
CA SER B 241 15.22 -29.32 5.16
C SER B 241 14.39 -29.78 3.97
N GLN B 242 13.28 -29.09 3.71
CA GLN B 242 12.39 -29.44 2.61
C GLN B 242 12.70 -28.70 1.32
N LEU B 243 13.57 -27.71 1.42
CA LEU B 243 13.89 -26.90 0.29
C LEU B 243 14.47 -27.66 -0.91
N GLU B 244 15.44 -28.54 -0.68
CA GLU B 244 16.04 -29.25 -1.79
C GLU B 244 15.00 -30.02 -2.57
N GLY B 245 14.20 -30.80 -1.85
CA GLY B 245 13.19 -31.61 -2.51
C GLY B 245 12.24 -30.79 -3.37
N ILE B 246 11.79 -29.62 -2.87
CA ILE B 246 10.89 -28.80 -3.66
C ILE B 246 11.61 -28.19 -4.89
N ILE B 247 12.88 -27.83 -4.74
CA ILE B 247 13.57 -27.27 -5.88
C ILE B 247 13.75 -28.36 -6.97
N GLU B 248 14.14 -29.55 -6.55
CA GLU B 248 14.31 -30.61 -7.57
C GLU B 248 12.98 -30.86 -8.27
N ALA B 249 11.87 -30.92 -7.49
CA ALA B 249 10.54 -31.12 -8.04
C ALA B 249 10.16 -30.08 -9.05
N ILE B 250 10.38 -28.81 -8.72
CA ILE B 250 9.98 -27.82 -9.71
C ILE B 250 10.89 -27.78 -10.99
N LEU B 251 12.16 -28.17 -10.86
CA LEU B 251 13.07 -28.21 -12.04
C LEU B 251 12.60 -29.36 -12.96
N GLU B 252 12.19 -30.46 -12.35
CA GLU B 252 11.66 -31.62 -13.13
C GLU B 252 10.39 -31.21 -13.85
N ILE B 253 9.45 -30.55 -13.15
CA ILE B 253 8.20 -30.13 -13.79
C ILE B 253 8.43 -29.11 -14.87
N ARG B 254 9.27 -28.14 -14.59
CA ARG B 254 9.63 -27.15 -15.59
C ARG B 254 10.25 -27.76 -16.88
N GLU B 255 11.12 -28.74 -16.67
CA GLU B 255 11.79 -29.38 -17.79
C GLU B 255 10.74 -29.92 -18.74
N VAL B 256 9.73 -30.61 -18.21
CA VAL B 256 8.69 -31.14 -19.06
C VAL B 256 7.74 -30.14 -19.59
N ALA B 257 7.31 -29.24 -18.71
CA ALA B 257 6.30 -28.30 -19.08
C ALA B 257 6.73 -27.17 -20.02
N SER B 258 8.00 -26.80 -19.93
CA SER B 258 8.52 -25.68 -20.72
C SER B 258 8.32 -25.82 -22.20
N LYS B 259 8.23 -27.05 -22.70
CA LYS B 259 7.96 -27.28 -24.10
C LYS B 259 6.67 -26.51 -24.48
N TYR B 260 5.76 -26.35 -23.51
CA TYR B 260 4.45 -25.76 -23.77
C TYR B 260 4.22 -24.32 -23.36
N TYR B 261 5.22 -23.69 -22.76
CA TYR B 261 5.07 -22.27 -22.38
C TYR B 261 4.77 -21.49 -23.65
N GLU B 262 3.78 -20.61 -23.59
CA GLU B 262 3.39 -19.85 -24.77
C GLU B 262 4.41 -18.75 -25.03
N THR B 263 4.63 -18.42 -26.30
CA THR B 263 5.58 -17.37 -26.66
C THR B 263 5.14 -15.96 -26.23
N ILE B 264 6.00 -15.32 -25.41
CA ILE B 264 5.83 -13.98 -24.77
C ILE B 264 4.42 -13.56 -24.31
P PO4 C . -4.53 7.27 -11.04
O1 PO4 C . -4.69 5.81 -11.17
O2 PO4 C . -5.60 7.97 -11.82
O3 PO4 C . -3.22 7.65 -11.58
O4 PO4 C . -4.64 7.68 -9.59
CD CD D . -8.30 12.02 -5.09
C1 2PG E . -6.48 11.21 -1.42
C1 2PG E . -6.26 11.20 -1.49
C2 2PG E . -5.75 9.85 -1.37
C2 2PG E . -5.79 9.83 -2.03
C3 2PG E . -4.34 9.89 -0.76
C3 2PG E . -4.28 9.60 -2.15
P 2PG E . -6.42 7.33 -0.92
P 2PG E . -6.22 7.30 -1.09
O1 2PG E . -7.42 11.31 -0.56
O1 2PG E . -5.55 12.18 -1.83
O2 2PG E . -6.04 12.14 -2.14
O2 2PG E . -7.25 11.29 -0.70
O3 2PG E . -4.31 9.83 0.63
O3 2PG E . -3.85 8.47 -2.89
O1P 2PG E . -6.55 8.88 -0.74
O1P 2PG E . -6.46 8.81 -1.29
O2P 2PG E . -7.60 6.87 -0.06
O2P 2PG E . -7.39 6.81 -0.27
O3P 2PG E . -6.64 6.95 -2.35
O3P 2PG E . -6.15 6.60 -2.41
O4P 2PG E . -5.10 6.92 -0.39
O4P 2PG E . -4.97 7.14 -0.30
P PO4 F . 1.53 -9.59 10.20
O1 PO4 F . 2.02 -10.93 10.64
O2 PO4 F . 0.03 -9.58 10.07
O3 PO4 F . 2.14 -9.27 8.86
O4 PO4 F . 1.94 -8.58 11.19
CD CD G . 7.69 -12.70 4.76
C1 2PG H . 8.65 -9.78 1.97
C2 2PG H . 7.46 -8.78 1.98
C3 2PG H . 8.02 -7.34 1.89
P 2PG H . 5.15 -8.41 0.59
O1 2PG H . 8.74 -10.48 0.92
O2 2PG H . 9.44 -9.63 2.94
O3 2PG H . 8.61 -6.84 0.69
O1P 2PG H . 6.57 -9.08 0.90
O2P 2PG H . 4.78 -9.16 -0.62
O3P 2PG H . 4.38 -8.74 1.79
O4P 2PG H . 5.38 -6.95 0.53
#